data_9CJ1
#
_entry.id   9CJ1
#
_cell.length_a   38.137
_cell.length_b   67.195
_cell.length_c   63.016
_cell.angle_alpha   90.00
_cell.angle_beta   97.80
_cell.angle_gamma   90.00
#
_symmetry.space_group_name_H-M   'P 1 21 1'
#
loop_
_entity.id
_entity.type
_entity.pdbx_description
1 polymer 'Mitogen-activated protein kinase 14'
2 non-polymer 1,2-ETHANEDIOL
3 non-polymer Nilotinib
4 water water
#
_entity_poly.entity_id   1
_entity_poly.type   'polypeptide(L)'
_entity_poly.pdbx_seq_one_letter_code
;MSQERPTFYRQELNKTIWEVPERYQNLSPVGSGAYGSVCAAFDTKTGLRVAVKKLSRPFQSIIHAKRTYRELRLLKHMKH
ENVIGLLDVFTPARSLEEFNDVYLVTHLMGADLNNIVKCQKLTDDHVQFLIYQILRGLKYIHSADIIHRDLKPSNLAVNE
DCELKILDFGLARHTDDEM(TPO)G(PTR)VATRWYRAPEIMLNWMHYNQTVDIWSVGCIMAELLTGRTLFPGTDHIDQL
KLILRLVGTPGAELLKKISSESARNYIQSLTQMPKMNFANVFIGANPLAVDLLEKMLVLDSDKRITAAQALAHAYFAQYH
DPDDEPVADPYDQSFESRDLLIDEWKSLTYDEVISFVPPPLDQEEMES
;
_entity_poly.pdbx_strand_id   A
#
loop_
_chem_comp.id
_chem_comp.type
_chem_comp.name
_chem_comp.formula
EDO non-polymer 1,2-ETHANEDIOL 'C2 H6 O2'
NIL non-polymer Nilotinib 'C28 H22 F3 N7 O'
#
# COMPACT_ATOMS: atom_id res chain seq x y z
N ARG A 5 -1.22 -28.23 -17.74
CA ARG A 5 -0.39 -27.18 -18.33
C ARG A 5 -1.12 -26.56 -19.53
N PRO A 6 -1.57 -25.32 -19.39
CA PRO A 6 -2.50 -24.74 -20.37
C PRO A 6 -1.79 -24.21 -21.61
N THR A 7 -2.61 -23.82 -22.58
CA THR A 7 -2.14 -23.20 -23.82
C THR A 7 -2.07 -21.68 -23.63
N PHE A 8 -0.95 -21.09 -24.05
CA PHE A 8 -0.75 -19.65 -24.00
C PHE A 8 -1.01 -19.03 -25.36
N TYR A 9 -1.50 -17.79 -25.36
CA TYR A 9 -1.58 -16.99 -26.56
C TYR A 9 -0.82 -15.69 -26.34
N ARG A 10 -0.52 -15.01 -27.44
CA ARG A 10 0.33 -13.83 -27.40
C ARG A 10 -0.47 -12.61 -27.82
N GLN A 11 -0.11 -11.46 -27.24
CA GLN A 11 -0.80 -10.22 -27.53
C GLN A 11 0.08 -9.07 -27.07
N GLU A 12 0.30 -8.08 -27.93
CA GLU A 12 1.25 -7.01 -27.63
C GLU A 12 0.47 -5.94 -26.88
N LEU A 13 0.78 -5.76 -25.59
CA LEU A 13 0.11 -4.77 -24.76
C LEU A 13 1.15 -4.04 -23.91
N ASN A 14 0.91 -2.76 -23.65
CA ASN A 14 1.77 -1.96 -22.78
C ASN A 14 3.21 -1.98 -23.27
N LYS A 15 3.39 -1.85 -24.59
CA LYS A 15 4.69 -1.87 -25.26
C LYS A 15 5.47 -3.15 -24.98
N THR A 16 4.80 -4.25 -24.63
CA THR A 16 5.50 -5.50 -24.39
C THR A 16 4.63 -6.66 -24.83
N ILE A 17 5.25 -7.83 -24.93
CA ILE A 17 4.61 -9.04 -25.41
C ILE A 17 4.03 -9.79 -24.22
N TRP A 18 2.69 -9.81 -24.12
CA TRP A 18 2.03 -10.59 -23.08
C TRP A 18 1.81 -12.01 -23.59
N GLU A 19 2.16 -12.99 -22.76
N GLU A 19 2.14 -12.98 -22.76
CA GLU A 19 1.99 -14.40 -23.05
CA GLU A 19 1.97 -14.41 -23.08
C GLU A 19 1.23 -15.00 -21.87
C GLU A 19 1.23 -15.01 -21.89
N VAL A 20 -0.07 -15.25 -22.06
CA VAL A 20 -0.93 -15.67 -20.95
C VAL A 20 -1.77 -16.89 -21.34
N PRO A 21 -2.18 -17.71 -20.37
CA PRO A 21 -3.06 -18.84 -20.69
C PRO A 21 -4.38 -18.36 -21.25
N GLU A 22 -4.97 -19.19 -22.13
CA GLU A 22 -6.18 -18.79 -22.84
C GLU A 22 -7.36 -18.57 -21.91
N ARG A 23 -7.30 -19.03 -20.66
CA ARG A 23 -8.39 -18.73 -19.73
C ARG A 23 -8.56 -17.23 -19.51
N TYR A 24 -7.50 -16.44 -19.65
CA TYR A 24 -7.57 -15.00 -19.42
C TYR A 24 -7.83 -14.28 -20.74
N GLN A 25 -9.01 -13.67 -20.87
CA GLN A 25 -9.46 -13.00 -22.07
C GLN A 25 -9.75 -11.53 -21.79
N ASN A 26 -10.07 -10.79 -22.85
CA ASN A 26 -10.45 -9.38 -22.76
C ASN A 26 -9.40 -8.55 -22.03
N LEU A 27 -8.13 -8.75 -22.40
CA LEU A 27 -7.05 -8.03 -21.75
C LEU A 27 -7.14 -6.54 -22.08
N SER A 28 -7.10 -5.70 -21.05
CA SER A 28 -7.13 -4.26 -21.28
C SER A 28 -6.12 -3.57 -20.37
N PRO A 29 -5.08 -2.96 -20.94
CA PRO A 29 -4.06 -2.27 -20.13
C PRO A 29 -4.62 -1.26 -19.13
N VAL A 30 -4.26 -1.45 -17.87
CA VAL A 30 -4.65 -0.53 -16.80
C VAL A 30 -3.59 0.54 -16.57
N GLY A 31 -2.34 0.13 -16.42
CA GLY A 31 -1.27 1.09 -16.18
C GLY A 31 0.05 0.35 -16.21
N SER A 32 1.13 1.12 -16.16
CA SER A 32 2.45 0.51 -16.22
C SER A 32 3.45 1.39 -15.47
N GLY A 33 4.57 0.79 -15.14
CA GLY A 33 5.66 1.50 -14.52
C GLY A 33 6.94 0.70 -14.64
N ALA A 34 7.98 1.19 -13.98
CA ALA A 34 9.29 0.53 -14.02
C ALA A 34 9.26 -0.83 -13.34
N TYR A 35 8.22 -1.14 -12.57
CA TYR A 35 8.13 -2.38 -11.83
C TYR A 35 7.10 -3.35 -12.38
N GLY A 36 6.42 -3.00 -13.46
CA GLY A 36 5.47 -3.91 -14.07
C GLY A 36 4.40 -3.18 -14.85
N SER A 37 3.56 -3.98 -15.50
CA SER A 37 2.40 -3.51 -16.25
C SER A 37 1.19 -4.31 -15.80
N VAL A 38 0.02 -3.66 -15.77
CA VAL A 38 -1.19 -4.30 -15.28
C VAL A 38 -2.27 -4.24 -16.35
N CYS A 39 -3.00 -5.35 -16.49
CA CYS A 39 -4.15 -5.44 -17.38
C CYS A 39 -5.33 -5.97 -16.59
N ALA A 40 -6.51 -5.45 -16.91
CA ALA A 40 -7.74 -6.09 -16.50
C ALA A 40 -8.05 -7.20 -17.50
N ALA A 41 -8.61 -8.30 -17.02
CA ALA A 41 -8.95 -9.42 -17.88
C ALA A 41 -10.19 -10.10 -17.32
N PHE A 42 -10.69 -11.07 -18.09
CA PHE A 42 -11.78 -11.93 -17.67
C PHE A 42 -11.26 -13.36 -17.62
N ASP A 43 -11.40 -14.00 -16.46
CA ASP A 43 -10.97 -15.38 -16.27
C ASP A 43 -12.14 -16.29 -16.60
N THR A 44 -12.13 -16.88 -17.79
CA THR A 44 -13.25 -17.73 -18.21
C THR A 44 -13.41 -18.97 -17.35
N LYS A 45 -12.34 -19.41 -16.67
CA LYS A 45 -12.44 -20.64 -15.88
C LYS A 45 -13.19 -20.41 -14.57
N THR A 46 -13.14 -19.19 -14.02
CA THR A 46 -13.86 -18.87 -12.81
C THR A 46 -15.02 -17.89 -13.03
N GLY A 47 -15.09 -17.25 -14.20
CA GLY A 47 -16.08 -16.22 -14.42
C GLY A 47 -15.81 -14.92 -13.70
N LEU A 48 -14.58 -14.69 -13.27
CA LEU A 48 -14.22 -13.51 -12.48
C LEU A 48 -13.51 -12.48 -13.35
N ARG A 49 -13.78 -11.21 -13.05
CA ARG A 49 -12.91 -10.14 -13.51
C ARG A 49 -11.65 -10.14 -12.67
N VAL A 50 -10.48 -10.06 -13.32
CA VAL A 50 -9.21 -10.18 -12.61
C VAL A 50 -8.26 -9.11 -13.11
N ALA A 51 -7.21 -8.88 -12.32
CA ALA A 51 -6.10 -8.04 -12.73
C ALA A 51 -4.89 -8.95 -12.90
N VAL A 52 -4.15 -8.74 -13.98
CA VAL A 52 -2.95 -9.51 -14.31
C VAL A 52 -1.79 -8.56 -14.37
N LYS A 53 -0.72 -8.85 -13.62
CA LYS A 53 0.45 -7.99 -13.60
C LYS A 53 1.63 -8.77 -14.16
N LYS A 54 2.28 -8.21 -15.18
CA LYS A 54 3.50 -8.76 -15.73
C LYS A 54 4.67 -7.96 -15.16
N LEU A 55 5.49 -8.60 -14.35
CA LEU A 55 6.64 -7.89 -13.81
C LEU A 55 7.61 -7.55 -14.94
N SER A 56 8.11 -6.32 -14.93
CA SER A 56 8.99 -5.83 -15.98
C SER A 56 10.44 -6.18 -15.64
N ARG A 57 11.04 -7.03 -16.48
CA ARG A 57 12.41 -7.53 -16.35
C ARG A 57 12.74 -7.86 -14.90
N PRO A 58 12.11 -8.89 -14.33
CA PRO A 58 12.25 -9.16 -12.90
C PRO A 58 13.63 -9.65 -12.51
N PHE A 59 14.48 -10.05 -13.45
CA PHE A 59 15.77 -10.64 -13.14
C PHE A 59 16.90 -9.88 -13.82
N GLN A 60 16.67 -8.60 -14.11
CA GLN A 60 17.70 -7.77 -14.72
C GLN A 60 18.82 -7.46 -13.74
N SER A 61 18.50 -7.29 -12.45
CA SER A 61 19.49 -6.97 -11.45
C SER A 61 19.23 -7.82 -10.20
N ILE A 62 20.21 -7.82 -9.30
CA ILE A 62 20.07 -8.57 -8.05
C ILE A 62 18.87 -8.05 -7.26
N ILE A 63 18.77 -6.73 -7.12
CA ILE A 63 17.66 -6.16 -6.34
C ILE A 63 16.33 -6.39 -7.03
N HIS A 64 16.29 -6.36 -8.37
CA HIS A 64 15.06 -6.66 -9.09
C HIS A 64 14.61 -8.08 -8.81
N ALA A 65 15.54 -9.03 -8.92
CA ALA A 65 15.23 -10.43 -8.65
C ALA A 65 14.81 -10.62 -7.20
N LYS A 66 15.50 -9.95 -6.27
CA LYS A 66 15.16 -10.11 -4.86
C LYS A 66 13.77 -9.56 -4.56
N ARG A 67 13.42 -8.41 -5.13
CA ARG A 67 12.09 -7.86 -4.88
C ARG A 67 11.01 -8.60 -5.64
N THR A 68 11.36 -9.19 -6.79
CA THR A 68 10.44 -10.13 -7.44
C THR A 68 10.12 -11.28 -6.50
N TYR A 69 11.16 -11.92 -5.96
CA TYR A 69 10.96 -12.93 -4.93
C TYR A 69 10.16 -12.38 -3.76
N ARG A 70 10.55 -11.20 -3.27
CA ARG A 70 9.90 -10.61 -2.11
C ARG A 70 8.40 -10.45 -2.31
N GLU A 71 7.98 -9.95 -3.49
CA GLU A 71 6.56 -9.75 -3.73
C GLU A 71 5.82 -11.08 -3.77
N LEU A 72 6.36 -12.06 -4.49
CA LEU A 72 5.69 -13.35 -4.61
C LEU A 72 5.58 -14.05 -3.27
N ARG A 73 6.66 -14.02 -2.49
CA ARG A 73 6.60 -14.57 -1.14
C ARG A 73 5.55 -13.86 -0.30
N LEU A 74 5.59 -12.53 -0.30
CA LEU A 74 4.64 -11.76 0.49
C LEU A 74 3.20 -12.10 0.08
N LEU A 75 2.92 -12.11 -1.22
CA LEU A 75 1.54 -12.30 -1.69
C LEU A 75 1.06 -13.72 -1.45
N LYS A 76 1.94 -14.73 -1.59
CA LYS A 76 1.55 -16.09 -1.25
C LYS A 76 1.26 -16.25 0.23
N HIS A 77 1.69 -15.31 1.06
CA HIS A 77 1.52 -15.39 2.50
C HIS A 77 0.29 -14.64 3.00
N MET A 78 -0.26 -13.71 2.23
CA MET A 78 -1.33 -12.84 2.75
C MET A 78 -2.67 -13.55 2.65
N LYS A 79 -3.27 -13.84 3.81
CA LYS A 79 -4.61 -14.42 3.90
C LYS A 79 -5.40 -13.56 4.87
N HIS A 80 -6.01 -12.49 4.35
CA HIS A 80 -6.75 -11.53 5.18
C HIS A 80 -7.82 -10.88 4.32
N GLU A 81 -9.01 -10.66 4.90
CA GLU A 81 -10.12 -10.10 4.13
C GLU A 81 -9.81 -8.69 3.61
N ASN A 82 -8.92 -7.95 4.28
CA ASN A 82 -8.67 -6.56 3.91
C ASN A 82 -7.32 -6.38 3.23
N VAL A 83 -6.73 -7.45 2.73
CA VAL A 83 -5.48 -7.40 1.98
C VAL A 83 -5.65 -8.20 0.71
N ILE A 84 -5.16 -7.65 -0.40
CA ILE A 84 -5.30 -8.33 -1.69
C ILE A 84 -4.63 -9.69 -1.61
N GLY A 85 -5.25 -10.67 -2.25
CA GLY A 85 -4.73 -12.02 -2.28
C GLY A 85 -4.46 -12.51 -3.69
N LEU A 86 -3.63 -13.54 -3.80
CA LEU A 86 -3.18 -14.06 -5.09
C LEU A 86 -4.16 -15.13 -5.58
N LEU A 87 -4.73 -14.92 -6.77
CA LEU A 87 -5.55 -15.96 -7.40
C LEU A 87 -4.74 -16.90 -8.26
N ASP A 88 -3.64 -16.42 -8.82
CA ASP A 88 -2.85 -17.22 -9.75
C ASP A 88 -1.49 -16.58 -9.92
N VAL A 89 -0.52 -17.40 -10.31
CA VAL A 89 0.80 -16.94 -10.73
C VAL A 89 1.30 -17.94 -11.76
N PHE A 90 1.82 -17.43 -12.88
CA PHE A 90 2.21 -18.31 -13.97
C PHE A 90 3.40 -17.71 -14.69
N THR A 91 4.05 -18.55 -15.50
CA THR A 91 5.09 -18.14 -16.42
C THR A 91 4.92 -18.94 -17.69
N PRO A 92 5.15 -18.34 -18.87
CA PRO A 92 5.13 -19.15 -20.10
C PRO A 92 6.31 -20.08 -20.21
N ALA A 93 7.37 -19.86 -19.43
CA ALA A 93 8.56 -20.70 -19.53
C ALA A 93 8.22 -22.15 -19.20
N ARG A 94 8.87 -23.07 -19.93
CA ARG A 94 8.69 -24.49 -19.70
C ARG A 94 9.76 -25.08 -18.78
N SER A 95 10.81 -24.32 -18.49
CA SER A 95 11.88 -24.79 -17.61
C SER A 95 12.56 -23.56 -17.01
N LEU A 96 13.44 -23.82 -16.04
CA LEU A 96 14.16 -22.72 -15.40
C LEU A 96 15.03 -22.00 -16.42
N GLU A 97 15.57 -22.75 -17.38
CA GLU A 97 16.56 -22.22 -18.31
C GLU A 97 16.00 -21.14 -19.21
N GLU A 98 14.68 -21.12 -19.42
CA GLU A 98 14.03 -20.07 -20.20
C GLU A 98 13.10 -19.21 -19.35
N PHE A 99 13.11 -19.41 -18.03
CA PHE A 99 12.34 -18.57 -17.10
C PHE A 99 12.81 -17.14 -17.18
N ASN A 100 12.00 -16.25 -17.75
CA ASN A 100 12.32 -14.83 -17.80
C ASN A 100 11.18 -13.90 -17.41
N ASP A 101 9.95 -14.40 -17.30
CA ASP A 101 8.80 -13.56 -17.03
C ASP A 101 7.94 -14.20 -15.96
N VAL A 102 7.28 -13.34 -15.17
CA VAL A 102 6.41 -13.75 -14.08
C VAL A 102 5.16 -12.90 -14.10
N TYR A 103 4.01 -13.56 -13.99
CA TYR A 103 2.71 -12.92 -14.05
C TYR A 103 1.96 -13.23 -12.76
N LEU A 104 1.33 -12.22 -12.18
CA LEU A 104 0.53 -12.35 -10.97
C LEU A 104 -0.92 -11.98 -11.28
N VAL A 105 -1.86 -12.64 -10.61
CA VAL A 105 -3.28 -12.44 -10.87
C VAL A 105 -4.02 -12.25 -9.55
N THR A 106 -4.84 -11.20 -9.47
CA THR A 106 -5.69 -10.96 -8.32
C THR A 106 -7.10 -10.70 -8.82
N HIS A 107 -8.03 -10.63 -7.86
CA HIS A 107 -9.35 -10.11 -8.21
C HIS A 107 -9.21 -8.72 -8.78
N LEU A 108 -10.10 -8.39 -9.71
CA LEU A 108 -10.33 -7.01 -10.11
C LEU A 108 -11.48 -6.47 -9.28
N MET A 109 -11.28 -5.32 -8.63
N MET A 109 -11.26 -5.35 -8.59
CA MET A 109 -12.29 -4.73 -7.78
CA MET A 109 -12.31 -4.73 -7.80
C MET A 109 -12.99 -3.58 -8.50
C MET A 109 -13.03 -3.67 -8.62
N GLY A 110 -14.29 -3.45 -8.27
CA GLY A 110 -15.11 -2.50 -9.01
C GLY A 110 -14.69 -1.06 -8.87
N ALA A 111 -13.95 -0.72 -7.83
CA ALA A 111 -13.63 0.68 -7.56
C ALA A 111 -12.45 0.78 -6.62
N ASP A 112 -11.96 2.00 -6.47
CA ASP A 112 -10.99 2.38 -5.46
C ASP A 112 -11.57 3.50 -4.61
N LEU A 113 -10.84 3.89 -3.56
CA LEU A 113 -11.38 4.89 -2.64
C LEU A 113 -11.55 6.26 -3.30
N ASN A 114 -10.90 6.51 -4.43
CA ASN A 114 -11.15 7.75 -5.16
C ASN A 114 -12.55 7.77 -5.78
N ASN A 115 -13.08 6.60 -6.14
CA ASN A 115 -14.32 6.48 -6.91
C ASN A 115 -15.35 5.74 -6.08
N ILE A 116 -16.24 6.48 -5.43
CA ILE A 116 -17.25 5.88 -4.56
C ILE A 116 -18.55 6.67 -4.61
N CYS A 119 -19.47 3.74 -3.64
CA CYS A 119 -20.25 2.71 -2.96
C CYS A 119 -21.31 3.35 -2.08
N GLN A 120 -20.89 4.28 -1.23
CA GLN A 120 -21.78 4.91 -0.27
C GLN A 120 -21.35 6.34 0.03
N THR A 123 -21.28 9.45 5.01
CA THR A 123 -21.71 9.55 6.39
C THR A 123 -20.57 9.21 7.34
N ASP A 124 -20.72 9.58 8.61
CA ASP A 124 -19.68 9.24 9.58
C ASP A 124 -19.58 7.72 9.75
N ASP A 125 -20.70 7.01 9.68
CA ASP A 125 -20.67 5.55 9.77
C ASP A 125 -19.88 4.95 8.61
N HIS A 126 -19.98 5.56 7.43
N HIS A 126 -19.96 5.56 7.43
CA HIS A 126 -19.30 5.04 6.25
CA HIS A 126 -19.28 4.99 6.27
C HIS A 126 -17.80 5.29 6.31
C HIS A 126 -17.79 5.28 6.32
N VAL A 127 -17.39 6.43 6.89
CA VAL A 127 -15.97 6.68 7.11
C VAL A 127 -15.43 5.73 8.17
N GLN A 128 -16.18 5.52 9.25
CA GLN A 128 -15.74 4.58 10.29
C GLN A 128 -15.48 3.21 9.70
N PHE A 129 -16.43 2.70 8.90
CA PHE A 129 -16.29 1.37 8.35
C PHE A 129 -15.08 1.26 7.43
N LEU A 130 -14.86 2.27 6.58
CA LEU A 130 -13.73 2.20 5.66
C LEU A 130 -12.41 2.29 6.40
N ILE A 131 -12.27 3.26 7.31
CA ILE A 131 -11.00 3.39 8.02
C ILE A 131 -10.74 2.16 8.89
N TYR A 132 -11.81 1.63 9.50
CA TYR A 132 -11.65 0.42 10.29
C TYR A 132 -11.04 -0.71 9.47
N GLN A 133 -11.54 -0.91 8.25
CA GLN A 133 -11.00 -1.96 7.40
C GLN A 133 -9.55 -1.71 7.01
N ILE A 134 -9.20 -0.46 6.69
CA ILE A 134 -7.79 -0.15 6.39
C ILE A 134 -6.92 -0.54 7.57
N LEU A 135 -7.31 -0.13 8.79
CA LEU A 135 -6.50 -0.39 9.97
C LEU A 135 -6.47 -1.88 10.32
N ARG A 136 -7.58 -2.59 10.09
CA ARG A 136 -7.61 -4.03 10.28
C ARG A 136 -6.62 -4.73 9.36
N GLY A 137 -6.57 -4.29 8.09
CA GLY A 137 -5.60 -4.86 7.15
C GLY A 137 -4.18 -4.47 7.50
N LEU A 138 -3.98 -3.24 7.96
N LEU A 138 -3.99 -3.23 7.96
CA LEU A 138 -2.64 -2.79 8.31
CA LEU A 138 -2.66 -2.75 8.32
C LEU A 138 -2.11 -3.51 9.55
C LEU A 138 -2.12 -3.48 9.56
N LYS A 139 -2.99 -3.78 10.51
CA LYS A 139 -2.56 -4.54 11.69
C LYS A 139 -2.00 -5.88 11.27
N TYR A 140 -2.65 -6.53 10.30
CA TYR A 140 -2.20 -7.82 9.79
C TYR A 140 -0.85 -7.68 9.07
N ILE A 141 -0.79 -6.78 8.08
CA ILE A 141 0.44 -6.51 7.35
C ILE A 141 1.58 -6.16 8.30
N HIS A 142 1.33 -5.25 9.25
CA HIS A 142 2.38 -4.84 10.17
C HIS A 142 2.82 -5.98 11.08
N SER A 143 1.92 -6.89 11.43
CA SER A 143 2.28 -8.04 12.24
C SER A 143 3.20 -9.00 11.50
N ALA A 144 3.18 -8.97 10.15
CA ALA A 144 4.11 -9.74 9.34
C ALA A 144 5.47 -9.07 9.22
N ASP A 145 5.68 -7.94 9.92
CA ASP A 145 6.92 -7.17 9.86
C ASP A 145 7.14 -6.57 8.47
N ILE A 146 6.07 -6.06 7.88
CA ILE A 146 6.06 -5.46 6.56
C ILE A 146 5.50 -4.05 6.71
N ILE A 147 6.15 -3.09 6.05
CA ILE A 147 5.66 -1.71 5.97
C ILE A 147 5.20 -1.46 4.55
N HIS A 148 4.02 -0.86 4.40
CA HIS A 148 3.47 -0.63 3.07
C HIS A 148 4.22 0.48 2.34
N ARG A 149 4.32 1.66 2.98
N ARG A 149 4.33 1.66 2.98
CA ARG A 149 5.09 2.82 2.56
CA ARG A 149 5.11 2.82 2.55
C ARG A 149 4.42 3.61 1.43
C ARG A 149 4.43 3.60 1.42
N ASP A 150 3.39 3.08 0.77
CA ASP A 150 2.81 3.77 -0.38
C ASP A 150 1.28 3.83 -0.32
N LEU A 151 0.72 3.91 0.89
CA LEU A 151 -0.72 3.93 1.03
C LEU A 151 -1.30 5.23 0.48
N LYS A 152 -2.37 5.10 -0.30
CA LYS A 152 -3.07 6.22 -0.93
C LYS A 152 -4.39 5.67 -1.47
N PRO A 153 -5.35 6.54 -1.76
CA PRO A 153 -6.69 6.03 -2.12
C PRO A 153 -6.67 5.06 -3.28
N SER A 154 -5.80 5.26 -4.27
CA SER A 154 -5.81 4.37 -5.43
C SER A 154 -5.21 3.00 -5.13
N ASN A 155 -4.59 2.82 -3.96
CA ASN A 155 -4.12 1.52 -3.51
C ASN A 155 -5.11 0.85 -2.56
N LEU A 156 -6.36 1.32 -2.54
CA LEU A 156 -7.39 0.79 -1.65
C LEU A 156 -8.59 0.45 -2.51
N ALA A 157 -8.80 -0.83 -2.73
CA ALA A 157 -9.88 -1.29 -3.60
C ALA A 157 -11.11 -1.64 -2.78
N VAL A 158 -12.28 -1.43 -3.36
CA VAL A 158 -13.55 -1.62 -2.66
C VAL A 158 -14.52 -2.29 -3.62
N ASN A 159 -15.21 -3.32 -3.14
CA ASN A 159 -16.20 -4.01 -3.96
C ASN A 159 -17.56 -3.35 -3.82
N GLU A 160 -18.60 -4.03 -4.29
CA GLU A 160 -19.95 -3.50 -4.24
C GLU A 160 -20.38 -3.24 -2.79
N ASP A 161 -20.16 -4.20 -1.90
CA ASP A 161 -20.64 -4.10 -0.53
C ASP A 161 -19.65 -3.39 0.38
N CYS A 162 -18.86 -2.48 -0.20
CA CYS A 162 -17.95 -1.62 0.54
C CYS A 162 -16.93 -2.42 1.38
N GLU A 163 -16.60 -3.65 0.96
CA GLU A 163 -15.48 -4.34 1.56
C GLU A 163 -14.18 -3.83 0.93
N LEU A 164 -13.23 -3.45 1.77
CA LEU A 164 -12.03 -2.78 1.33
C LEU A 164 -10.85 -3.74 1.36
N LYS A 165 -9.91 -3.55 0.43
CA LYS A 165 -8.72 -4.38 0.34
C LYS A 165 -7.51 -3.50 0.06
N ILE A 166 -6.42 -3.74 0.79
CA ILE A 166 -5.18 -3.00 0.58
C ILE A 166 -4.38 -3.70 -0.51
N LEU A 167 -3.84 -2.91 -1.45
CA LEU A 167 -2.93 -3.43 -2.46
C LEU A 167 -1.78 -2.44 -2.61
N ASP A 168 -0.86 -2.75 -3.52
CA ASP A 168 0.22 -1.83 -3.86
C ASP A 168 0.37 -1.81 -5.37
N PHE A 169 0.05 -0.67 -5.98
CA PHE A 169 0.12 -0.46 -7.42
C PHE A 169 1.26 0.51 -7.75
N PTR A 182 -2.58 13.05 -11.54
CA PTR A 182 -3.22 11.85 -11.00
C PTR A 182 -3.41 11.99 -9.49
O PTR A 182 -3.75 13.06 -9.01
CB PTR A 182 -2.41 10.60 -11.39
CG PTR A 182 -1.01 10.46 -10.78
CD1 PTR A 182 -0.32 11.55 -10.29
CD2 PTR A 182 -0.40 9.22 -10.73
CE1 PTR A 182 0.95 11.41 -9.74
CE2 PTR A 182 0.86 9.06 -10.19
CZ PTR A 182 1.53 10.16 -9.71
OH PTR A 182 2.72 10.00 -9.20
P PTR A 182 2.93 9.00 -7.96
O1P PTR A 182 3.12 7.63 -8.48
O2P PTR A 182 1.68 9.03 -7.07
O3P PTR A 182 4.16 9.42 -7.14
N VAL A 183 -3.20 10.89 -8.75
CA VAL A 183 -3.24 10.94 -7.30
C VAL A 183 -1.84 10.65 -6.77
N ALA A 184 -1.19 11.67 -6.23
CA ALA A 184 0.22 11.58 -5.89
C ALA A 184 0.43 10.83 -4.58
N THR A 185 1.41 9.92 -4.58
N THR A 185 1.40 9.91 -4.57
CA THR A 185 1.79 9.26 -3.33
CA THR A 185 1.78 9.27 -3.31
C THR A 185 2.31 10.27 -2.32
C THR A 185 2.27 10.31 -2.31
N ARG A 186 2.92 11.36 -2.81
CA ARG A 186 3.49 12.38 -1.94
C ARG A 186 2.45 13.03 -1.03
N TRP A 187 1.20 13.17 -1.50
CA TRP A 187 0.15 13.76 -0.66
C TRP A 187 -0.08 12.97 0.62
N TYR A 188 0.25 11.68 0.64
CA TYR A 188 -0.05 10.80 1.76
C TYR A 188 1.20 10.30 2.48
N ARG A 189 2.37 10.70 2.05
CA ARG A 189 3.60 10.13 2.59
C ARG A 189 3.96 10.77 3.92
N ALA A 190 4.47 9.97 4.85
CA ALA A 190 4.83 10.48 6.16
C ALA A 190 5.94 11.53 6.06
N PRO A 191 5.92 12.55 6.93
CA PRO A 191 6.91 13.61 6.84
C PRO A 191 8.33 13.12 7.02
N GLU A 192 8.56 12.15 7.92
CA GLU A 192 9.92 11.67 8.12
C GLU A 192 10.49 11.03 6.84
N ILE A 193 9.62 10.47 6.00
CA ILE A 193 10.11 10.00 4.71
C ILE A 193 10.41 11.18 3.80
N MET A 194 9.58 12.23 3.88
CA MET A 194 9.83 13.42 3.07
C MET A 194 11.11 14.13 3.50
N LEU A 195 11.43 14.09 4.79
CA LEU A 195 12.62 14.75 5.33
C LEU A 195 13.87 13.88 5.28
N ASN A 196 13.80 12.75 4.59
CA ASN A 196 14.96 11.89 4.30
C ASN A 196 15.43 11.13 5.55
N TRP A 197 14.49 10.77 6.43
CA TRP A 197 14.79 9.90 7.55
C TRP A 197 14.89 8.46 7.06
N MET A 198 16.06 7.84 7.24
CA MET A 198 16.23 6.46 6.77
C MET A 198 15.65 5.44 7.73
N HIS A 199 15.52 5.77 9.01
CA HIS A 199 15.20 4.76 10.02
C HIS A 199 13.77 4.90 10.53
N TYR A 200 12.81 4.93 9.62
CA TYR A 200 11.42 5.11 10.00
C TYR A 200 10.79 3.77 10.38
N ASN A 201 9.66 3.85 11.07
CA ASN A 201 9.01 2.65 11.59
C ASN A 201 7.66 2.47 10.89
N GLN A 202 6.91 1.47 11.35
CA GLN A 202 5.67 1.11 10.69
C GLN A 202 4.61 2.21 10.74
N THR A 203 4.73 3.16 11.68
CA THR A 203 3.66 4.16 11.72
C THR A 203 3.75 5.19 10.60
N VAL A 204 4.72 5.09 9.68
CA VAL A 204 4.61 5.91 8.47
C VAL A 204 3.30 5.60 7.75
N ASP A 205 2.84 4.34 7.84
CA ASP A 205 1.56 3.96 7.24
C ASP A 205 0.38 4.60 7.95
N ILE A 206 0.52 4.87 9.25
CA ILE A 206 -0.57 5.50 10.01
C ILE A 206 -0.73 6.96 9.61
N TRP A 207 0.38 7.65 9.35
CA TRP A 207 0.29 8.98 8.78
C TRP A 207 -0.57 8.95 7.52
N SER A 208 -0.30 8.00 6.62
CA SER A 208 -1.09 7.89 5.39
C SER A 208 -2.58 7.67 5.68
N VAL A 209 -2.90 6.81 6.65
CA VAL A 209 -4.30 6.58 7.03
C VAL A 209 -4.95 7.85 7.53
N GLY A 210 -4.22 8.63 8.34
CA GLY A 210 -4.76 9.91 8.79
C GLY A 210 -5.09 10.85 7.65
N CYS A 211 -4.22 10.90 6.63
CA CYS A 211 -4.49 11.75 5.48
C CYS A 211 -5.69 11.22 4.69
N ILE A 212 -5.79 9.91 4.57
CA ILE A 212 -6.92 9.33 3.85
C ILE A 212 -8.22 9.60 4.60
N MET A 213 -8.21 9.45 5.92
CA MET A 213 -9.44 9.63 6.67
C MET A 213 -9.87 11.09 6.68
N ALA A 214 -8.92 12.02 6.73
CA ALA A 214 -9.25 13.44 6.61
C ALA A 214 -9.98 13.70 5.30
N GLU A 215 -9.50 13.10 4.20
CA GLU A 215 -10.09 13.33 2.89
C GLU A 215 -11.47 12.70 2.76
N LEU A 216 -11.70 11.57 3.43
CA LEU A 216 -13.04 10.99 3.46
C LEU A 216 -13.99 11.84 4.29
N LEU A 217 -13.47 12.51 5.33
CA LEU A 217 -14.32 13.32 6.18
C LEU A 217 -14.75 14.61 5.48
N THR A 218 -13.79 15.31 4.86
CA THR A 218 -14.03 16.65 4.33
C THR A 218 -14.32 16.68 2.84
N GLY A 219 -14.02 15.60 2.12
CA GLY A 219 -14.12 15.57 0.68
C GLY A 219 -12.92 16.11 -0.06
N ARG A 220 -11.96 16.69 0.64
CA ARG A 220 -10.84 17.39 0.03
C ARG A 220 -9.52 16.78 0.47
N THR A 221 -8.54 16.76 -0.44
CA THR A 221 -7.21 16.30 -0.09
C THR A 221 -6.64 17.15 1.04
N LEU A 222 -6.10 16.50 2.07
CA LEU A 222 -5.62 17.24 3.22
C LEU A 222 -4.39 18.06 2.87
N PHE A 223 -3.37 17.42 2.29
CA PHE A 223 -2.09 18.06 1.97
C PHE A 223 -1.79 17.87 0.49
N PRO A 224 -2.48 18.58 -0.41
CA PRO A 224 -2.28 18.41 -1.85
C PRO A 224 -1.09 19.21 -2.38
N GLY A 225 0.10 18.89 -1.88
CA GLY A 225 1.28 19.63 -2.29
C GLY A 225 1.59 19.44 -3.77
N THR A 226 2.01 20.51 -4.41
CA THR A 226 2.37 20.43 -5.82
C THR A 226 3.80 19.96 -6.03
N ASP A 227 4.59 19.92 -4.95
CA ASP A 227 6.00 19.58 -5.03
C ASP A 227 6.50 19.22 -3.64
N HIS A 228 7.74 18.73 -3.59
CA HIS A 228 8.35 18.28 -2.34
C HIS A 228 8.28 19.38 -1.27
N ILE A 229 8.66 20.59 -1.64
CA ILE A 229 8.73 21.69 -0.67
C ILE A 229 7.32 22.16 -0.29
N ASP A 230 6.44 22.29 -1.28
CA ASP A 230 5.05 22.64 -0.99
C ASP A 230 4.42 21.65 -0.02
N GLN A 231 4.70 20.35 -0.21
CA GLN A 231 4.16 19.33 0.67
C GLN A 231 4.58 19.56 2.12
N LEU A 232 5.87 19.79 2.36
CA LEU A 232 6.33 20.01 3.73
C LEU A 232 5.67 21.23 4.36
N LYS A 233 5.55 22.32 3.60
CA LYS A 233 4.98 23.53 4.17
C LYS A 233 3.51 23.33 4.52
N LEU A 234 2.76 22.61 3.68
CA LEU A 234 1.36 22.39 3.99
C LEU A 234 1.22 21.55 5.25
N ILE A 235 2.09 20.55 5.42
CA ILE A 235 2.06 19.71 6.62
C ILE A 235 2.34 20.55 7.86
N LEU A 236 3.45 21.29 7.85
CA LEU A 236 3.83 22.10 9.00
C LEU A 236 2.76 23.15 9.34
N ARG A 237 2.05 23.64 8.33
CA ARG A 237 0.99 24.61 8.59
C ARG A 237 -0.10 24.01 9.47
N LEU A 238 -0.37 22.71 9.35
CA LEU A 238 -1.37 22.08 10.20
C LEU A 238 -0.82 21.61 11.54
N VAL A 239 0.28 20.85 11.54
CA VAL A 239 0.76 20.25 12.79
C VAL A 239 1.74 21.13 13.56
N GLY A 240 2.23 22.22 12.96
CA GLY A 240 3.15 23.09 13.64
C GLY A 240 4.61 22.74 13.39
N THR A 241 5.47 23.73 13.31
CA THR A 241 6.87 23.43 13.03
C THR A 241 7.52 22.75 14.24
N PRO A 242 8.38 21.78 14.00
CA PRO A 242 9.02 21.06 15.12
C PRO A 242 10.21 21.82 15.69
N GLY A 243 10.47 21.56 16.97
CA GLY A 243 11.68 22.03 17.60
C GLY A 243 12.92 21.29 17.11
N ALA A 244 14.08 21.77 17.55
CA ALA A 244 15.35 21.16 17.14
C ALA A 244 15.41 19.70 17.59
N GLU A 245 15.04 19.44 18.85
CA GLU A 245 15.13 18.08 19.38
C GLU A 245 14.24 17.12 18.60
N LEU A 246 13.03 17.55 18.25
CA LEU A 246 12.19 16.69 17.43
C LEU A 246 12.75 16.55 16.02
N LEU A 247 13.34 17.62 15.49
CA LEU A 247 13.89 17.56 14.13
C LEU A 247 14.92 16.45 13.99
N LYS A 248 15.71 16.20 15.05
CA LYS A 248 16.77 15.20 14.95
C LYS A 248 16.26 13.76 14.96
N LYS A 249 14.98 13.54 15.27
CA LYS A 249 14.41 12.19 15.19
C LYS A 249 13.70 11.91 13.87
N ILE A 250 13.49 12.92 13.02
CA ILE A 250 12.62 12.77 11.85
C ILE A 250 13.25 13.29 10.57
N SER A 251 14.51 13.74 10.59
CA SER A 251 15.04 14.52 9.47
C SER A 251 16.54 14.34 9.33
N SER A 252 17.01 14.34 8.08
CA SER A 252 18.43 14.38 7.78
C SER A 252 18.94 15.82 7.84
N GLU A 253 20.27 15.97 7.75
CA GLU A 253 20.92 17.23 8.10
C GLU A 253 20.46 18.38 7.21
N SER A 254 20.43 18.16 5.89
CA SER A 254 20.06 19.24 4.97
C SER A 254 18.59 19.61 5.14
N ALA A 255 17.75 18.62 5.47
CA ALA A 255 16.35 18.94 5.70
C ALA A 255 16.17 19.68 7.02
N ARG A 256 16.95 19.32 8.05
CA ARG A 256 16.89 20.04 9.32
C ARG A 256 17.25 21.52 9.12
N ASN A 257 18.33 21.77 8.40
CA ASN A 257 18.74 23.15 8.16
C ASN A 257 17.65 23.96 7.47
N TYR A 258 16.97 23.36 6.49
CA TYR A 258 15.93 24.08 5.79
C TYR A 258 14.75 24.40 6.71
N ILE A 259 14.26 23.38 7.43
CA ILE A 259 13.11 23.58 8.32
C ILE A 259 13.40 24.67 9.35
N GLN A 260 14.63 24.70 9.86
CA GLN A 260 15.02 25.70 10.85
C GLN A 260 15.07 27.11 10.28
N SER A 261 15.04 27.26 8.95
CA SER A 261 15.04 28.58 8.34
C SER A 261 13.64 29.18 8.24
N LEU A 262 12.60 28.39 8.47
CA LEU A 262 11.22 28.81 8.26
C LEU A 262 10.68 29.57 9.45
N THR A 263 9.70 30.43 9.20
CA THR A 263 8.99 31.08 10.30
C THR A 263 8.29 30.03 11.15
N GLN A 264 8.23 30.29 12.45
CA GLN A 264 7.53 29.37 13.35
C GLN A 264 6.04 29.36 13.03
N MET A 265 5.50 28.15 12.85
N MET A 265 5.49 28.16 12.85
CA MET A 265 4.07 27.94 12.66
CA MET A 265 4.06 27.99 12.67
C MET A 265 3.52 27.17 13.85
C MET A 265 3.51 27.17 13.83
N PRO A 266 2.44 27.62 14.47
CA PRO A 266 1.87 26.87 15.58
C PRO A 266 0.97 25.75 15.09
N LYS A 267 0.81 24.74 15.93
CA LYS A 267 -0.14 23.68 15.63
C LYS A 267 -1.56 24.24 15.60
N MET A 268 -2.35 23.80 14.62
CA MET A 268 -3.76 24.14 14.60
C MET A 268 -4.59 23.20 15.46
N ASN A 269 -5.72 23.70 15.96
CA ASN A 269 -6.65 22.85 16.66
C ASN A 269 -7.46 22.10 15.59
N PHE A 270 -7.32 20.78 15.56
CA PHE A 270 -7.97 20.02 14.50
C PHE A 270 -9.48 20.21 14.51
N ALA A 271 -10.06 20.59 15.65
CA ALA A 271 -11.51 20.79 15.72
C ALA A 271 -11.95 21.93 14.82
N ASN A 272 -11.12 22.94 14.61
CA ASN A 272 -11.41 24.03 13.70
C ASN A 272 -11.05 23.73 12.26
N VAL A 273 -10.34 22.63 12.01
CA VAL A 273 -10.05 22.19 10.65
C VAL A 273 -11.10 21.22 10.14
N PHE A 274 -11.48 20.25 10.97
CA PHE A 274 -12.50 19.25 10.61
C PHE A 274 -13.83 19.63 11.24
N ILE A 275 -14.29 20.84 10.90
CA ILE A 275 -15.45 21.43 11.55
C ILE A 275 -16.68 20.55 11.34
N GLY A 276 -17.37 20.25 12.45
CA GLY A 276 -18.53 19.40 12.42
C GLY A 276 -18.25 17.92 12.56
N ALA A 277 -17.02 17.48 12.31
CA ALA A 277 -16.70 16.06 12.32
C ALA A 277 -16.96 15.44 13.70
N ASN A 278 -17.18 14.14 13.68
CA ASN A 278 -17.28 13.35 14.91
C ASN A 278 -16.10 13.69 15.82
N PRO A 279 -16.33 14.18 17.05
CA PRO A 279 -15.20 14.57 17.91
C PRO A 279 -14.24 13.42 18.23
N LEU A 280 -14.72 12.18 18.19
CA LEU A 280 -13.83 11.04 18.36
C LEU A 280 -12.96 10.83 17.13
N ALA A 281 -13.47 11.15 15.94
CA ALA A 281 -12.64 11.11 14.74
C ALA A 281 -11.54 12.18 14.80
N VAL A 282 -11.88 13.36 15.31
CA VAL A 282 -10.88 14.41 15.45
C VAL A 282 -9.81 13.99 16.45
N ASP A 283 -10.21 13.38 17.55
CA ASP A 283 -9.24 12.89 18.53
C ASP A 283 -8.34 11.83 17.92
N LEU A 284 -8.90 10.91 17.14
CA LEU A 284 -8.07 9.91 16.49
C LEU A 284 -7.10 10.55 15.51
N LEU A 285 -7.58 11.54 14.74
CA LEU A 285 -6.70 12.22 13.78
C LEU A 285 -5.56 12.96 14.48
N GLU A 286 -5.84 13.53 15.66
CA GLU A 286 -4.80 14.17 16.46
C GLU A 286 -3.73 13.20 16.92
N LYS A 287 -4.05 11.91 16.99
CA LYS A 287 -3.10 10.89 17.38
C LYS A 287 -2.36 10.28 16.19
N MET A 288 -2.90 10.46 14.99
CA MET A 288 -2.34 9.89 13.77
C MET A 288 -1.39 10.88 13.10
N LEU A 289 -1.81 12.15 13.04
CA LEU A 289 -1.11 13.19 12.30
C LEU A 289 -0.19 13.99 13.22
N VAL A 290 0.75 13.28 13.80
CA VAL A 290 1.80 13.87 14.62
C VAL A 290 3.14 13.62 13.93
N LEU A 291 4.05 14.60 14.03
CA LEU A 291 5.38 14.44 13.44
C LEU A 291 6.24 13.44 14.19
N ASP A 292 6.08 13.34 15.50
CA ASP A 292 6.91 12.46 16.32
C ASP A 292 6.46 11.02 16.10
N SER A 293 7.22 10.29 15.27
CA SER A 293 6.87 8.91 14.95
C SER A 293 6.97 7.98 16.16
N ASP A 294 7.63 8.40 17.24
CA ASP A 294 7.58 7.61 18.47
C ASP A 294 6.29 7.83 19.26
N LYS A 295 5.58 8.93 19.01
CA LYS A 295 4.31 9.23 19.65
C LYS A 295 3.10 8.80 18.82
N ARG A 296 3.28 8.56 17.53
CA ARG A 296 2.17 8.24 16.63
C ARG A 296 1.52 6.91 16.99
N ILE A 297 0.18 6.86 16.87
CA ILE A 297 -0.56 5.66 17.26
C ILE A 297 -0.28 4.52 16.28
N THR A 298 -0.28 3.28 16.79
CA THR A 298 -0.11 2.12 15.93
C THR A 298 -1.47 1.68 15.37
N ALA A 299 -1.42 0.74 14.42
CA ALA A 299 -2.66 0.24 13.83
C ALA A 299 -3.50 -0.51 14.86
N ALA A 300 -2.86 -1.35 15.68
CA ALA A 300 -3.57 -2.06 16.73
C ALA A 300 -4.16 -1.09 17.75
N GLN A 301 -3.41 -0.07 18.15
CA GLN A 301 -3.95 0.93 19.08
C GLN A 301 -5.12 1.70 18.45
N ALA A 302 -4.99 2.08 17.18
CA ALA A 302 -6.05 2.84 16.53
C ALA A 302 -7.33 2.03 16.44
N LEU A 303 -7.21 0.71 16.24
CA LEU A 303 -8.39 -0.15 16.11
C LEU A 303 -9.17 -0.21 17.41
N ALA A 304 -8.52 0.01 18.54
CA ALA A 304 -9.18 0.00 19.85
C ALA A 304 -9.72 1.36 20.25
N HIS A 305 -9.52 2.39 19.43
CA HIS A 305 -9.98 3.73 19.74
C HIS A 305 -11.51 3.79 19.73
N ALA A 306 -12.07 4.61 20.62
CA ALA A 306 -13.53 4.68 20.78
C ALA A 306 -14.24 5.09 19.50
N TYR A 307 -13.54 5.73 18.57
CA TYR A 307 -14.15 6.07 17.29
C TYR A 307 -14.73 4.84 16.59
N PHE A 308 -14.12 3.68 16.76
CA PHE A 308 -14.54 2.46 16.08
C PHE A 308 -15.41 1.56 16.94
N ALA A 309 -15.99 2.11 18.02
CA ALA A 309 -16.70 1.26 18.99
C ALA A 309 -17.74 0.37 18.34
N GLN A 310 -18.38 0.81 17.25
CA GLN A 310 -19.45 0.01 16.66
C GLN A 310 -18.91 -1.16 15.83
N TYR A 311 -17.62 -1.16 15.47
CA TYR A 311 -17.09 -2.27 14.70
C TYR A 311 -15.97 -3.04 15.39
N HIS A 312 -15.40 -2.50 16.47
CA HIS A 312 -14.24 -3.10 17.12
C HIS A 312 -14.56 -4.49 17.63
N ASP A 313 -13.76 -5.47 17.22
CA ASP A 313 -13.93 -6.86 17.63
C ASP A 313 -12.56 -7.51 17.72
N PRO A 314 -11.94 -7.49 18.89
CA PRO A 314 -10.57 -8.00 19.00
C PRO A 314 -10.42 -9.44 18.54
N ASP A 315 -11.48 -10.24 18.66
CA ASP A 315 -11.44 -11.62 18.21
C ASP A 315 -11.52 -11.76 16.69
N ASP A 316 -11.89 -10.71 15.98
CA ASP A 316 -11.92 -10.74 14.52
C ASP A 316 -10.98 -9.70 13.92
N GLU A 317 -9.82 -9.51 14.57
CA GLU A 317 -8.78 -8.59 14.11
C GLU A 317 -7.44 -9.30 14.21
N PRO A 318 -7.21 -10.29 13.37
CA PRO A 318 -6.13 -11.23 13.60
C PRO A 318 -4.78 -10.70 13.12
N VAL A 319 -3.73 -11.32 13.65
CA VAL A 319 -2.38 -11.05 13.18
C VAL A 319 -2.04 -12.13 12.15
N ALA A 320 -0.87 -12.01 11.54
CA ALA A 320 -0.47 -12.94 10.49
C ALA A 320 0.32 -14.11 11.09
N ASP A 321 0.24 -15.26 10.42
CA ASP A 321 1.14 -16.34 10.78
C ASP A 321 2.58 -15.87 10.54
N PRO A 322 3.53 -16.37 11.32
CA PRO A 322 4.93 -15.91 11.19
C PRO A 322 5.43 -15.93 9.75
N TYR A 323 6.02 -14.82 9.32
CA TYR A 323 6.47 -14.62 7.95
C TYR A 323 8.01 -14.64 7.92
N ASP A 324 8.57 -15.73 7.41
CA ASP A 324 10.03 -15.94 7.40
C ASP A 324 10.66 -14.98 6.39
N GLN A 325 11.30 -13.92 6.89
CA GLN A 325 11.98 -12.94 6.05
C GLN A 325 13.48 -13.14 6.03
N SER A 326 13.96 -14.30 6.50
CA SER A 326 15.41 -14.50 6.59
C SER A 326 16.09 -14.37 5.23
N PHE A 327 15.35 -14.53 4.14
CA PHE A 327 15.90 -14.32 2.81
C PHE A 327 16.41 -12.90 2.65
N GLU A 328 15.87 -11.95 3.42
CA GLU A 328 16.30 -10.56 3.31
C GLU A 328 17.74 -10.37 3.73
N SER A 329 18.30 -11.33 4.46
CA SER A 329 19.69 -11.31 4.88
C SER A 329 20.58 -12.20 4.02
N ARG A 330 20.05 -12.81 2.97
CA ARG A 330 20.84 -13.67 2.11
C ARG A 330 21.49 -12.86 1.00
N ASP A 331 22.74 -13.19 0.70
CA ASP A 331 23.55 -12.48 -0.30
C ASP A 331 23.64 -13.42 -1.51
N LEU A 332 22.72 -13.25 -2.46
CA LEU A 332 22.59 -14.19 -3.56
C LEU A 332 22.76 -13.49 -4.89
N LEU A 333 23.15 -14.28 -5.90
CA LEU A 333 23.29 -13.75 -7.26
C LEU A 333 21.92 -13.70 -7.93
N ILE A 334 21.92 -13.20 -9.17
CA ILE A 334 20.68 -13.07 -9.93
C ILE A 334 20.04 -14.43 -10.16
N ASP A 335 20.86 -15.39 -10.63
CA ASP A 335 20.37 -16.73 -10.95
C ASP A 335 19.85 -17.46 -9.72
N GLU A 336 20.38 -17.12 -8.55
CA GLU A 336 19.92 -17.77 -7.31
C GLU A 336 18.55 -17.26 -6.90
N TRP A 337 18.33 -15.94 -6.96
CA TRP A 337 17.00 -15.40 -6.73
C TRP A 337 16.03 -15.87 -7.81
N LYS A 338 16.48 -15.92 -9.05
CA LYS A 338 15.66 -16.45 -10.14
C LYS A 338 15.23 -17.87 -9.84
N SER A 339 16.16 -18.69 -9.33
CA SER A 339 15.85 -20.09 -9.02
C SER A 339 14.81 -20.20 -7.92
N LEU A 340 14.96 -19.41 -6.85
CA LEU A 340 14.01 -19.46 -5.74
C LEU A 340 12.63 -18.96 -6.17
N THR A 341 12.60 -17.92 -7.01
CA THR A 341 11.33 -17.42 -7.53
C THR A 341 10.63 -18.49 -8.36
N TYR A 342 11.38 -19.19 -9.22
CA TYR A 342 10.80 -20.25 -10.03
C TYR A 342 10.15 -21.31 -9.16
N ASP A 343 10.81 -21.70 -8.07
CA ASP A 343 10.26 -22.70 -7.17
C ASP A 343 9.00 -22.19 -6.47
N GLU A 344 8.89 -20.88 -6.22
CA GLU A 344 7.68 -20.35 -5.62
C GLU A 344 6.55 -20.32 -6.64
N VAL A 345 6.88 -20.16 -7.92
CA VAL A 345 5.86 -20.15 -8.96
C VAL A 345 5.25 -21.54 -9.13
N ILE A 346 6.10 -22.55 -9.30
N ILE A 346 6.09 -22.56 -9.30
CA ILE A 346 5.62 -23.90 -9.59
CA ILE A 346 5.60 -23.89 -9.61
C ILE A 346 4.83 -24.46 -8.42
C ILE A 346 4.98 -24.60 -8.41
N SER A 347 5.16 -24.07 -7.20
CA SER A 347 4.55 -24.64 -6.01
C SER A 347 3.27 -23.93 -5.59
N PHE A 348 2.88 -22.86 -6.29
CA PHE A 348 1.67 -22.15 -5.92
C PHE A 348 0.44 -23.04 -6.07
N VAL A 349 -0.49 -22.92 -5.13
CA VAL A 349 -1.76 -23.62 -5.17
C VAL A 349 -2.86 -22.59 -5.06
N PRO A 350 -3.79 -22.53 -6.01
CA PRO A 350 -4.82 -21.48 -5.99
C PRO A 350 -5.78 -21.69 -4.83
N PRO A 351 -6.47 -20.64 -4.38
CA PRO A 351 -7.42 -20.77 -3.26
C PRO A 351 -8.71 -21.48 -3.67
C1 EDO B . -2.71 -5.47 20.12
O1 EDO B . -3.57 -6.50 19.61
C2 EDO B . -1.27 -5.73 19.71
O2 EDO B . -1.19 -6.10 18.33
O17 NIL C . -0.89 -5.53 -4.45
C16 NIL C . -0.15 -6.16 -5.13
N14 NIL C . 1.23 -6.44 -4.75
C11 NIL C . 1.80 -6.00 -3.48
C9 NIL C . 3.17 -5.92 -3.42
C8 NIL C . 3.80 -5.54 -2.25
N51 NIL C . 5.13 -5.47 -2.25
C56 NIL C . 5.90 -5.47 -3.33
C55 NIL C . 7.20 -5.42 -2.93
C58 NIL C . 8.44 -5.38 -3.83
N54 NIL C . 7.21 -5.41 -1.62
C52 NIL C . 5.93 -5.46 -1.18
C6 NIL C . 3.02 -5.27 -1.12
C12 NIL C . 1.03 -5.76 -2.36
C5 NIL C . 1.65 -5.37 -1.16
C2 NIL C . 0.76 -5.08 0.05
F4 NIL C . 0.09 -6.21 0.37
F3 NIL C . 1.50 -4.69 1.11
F1 NIL C . -0.12 -4.08 -0.23
C18 NIL C . -0.62 -6.72 -6.47
C25 NIL C . 0.16 -7.62 -7.20
C23 NIL C . -0.30 -8.13 -8.41
C22 NIL C . -1.55 -7.71 -8.87
C27 NIL C . -2.13 -8.23 -10.21
C21 NIL C . -2.30 -6.83 -8.13
C19 NIL C . -1.86 -6.32 -6.92
N31 NIL C . -3.61 -6.41 -8.61
C33 NIL C . -3.80 -5.05 -9.04
N40 NIL C . -2.78 -4.23 -9.30
C38 NIL C . -3.00 -2.99 -9.69
C36 NIL C . -4.28 -2.55 -9.84
C35 NIL C . -5.31 -3.39 -9.57
N34 NIL C . -5.08 -4.62 -9.17
C41 NIL C . -6.64 -3.01 -9.69
C49 NIL C . -7.03 -2.16 -10.66
C47 NIL C . -8.35 -1.83 -10.75
C45 NIL C . -9.26 -2.37 -9.86
N44 NIL C . -8.87 -3.23 -8.89
C42 NIL C . -7.55 -3.56 -8.80
C1 EDO D . -3.10 13.42 20.74
O1 EDO D . -3.70 12.76 21.86
C2 EDO D . -3.40 14.92 20.83
O2 EDO D . -2.69 15.48 21.94
C1 EDO E . -4.97 -10.04 19.47
O1 EDO E . -4.47 -9.46 18.27
C2 EDO E . -6.36 -10.58 19.16
O2 EDO E . -7.10 -9.56 18.51
C1 EDO F . 10.43 -27.50 -14.49
O1 EDO F . 9.98 -27.08 -15.77
C2 EDO F . 11.93 -27.74 -14.52
O2 EDO F . 12.62 -26.50 -14.77
C1 EDO G . 3.99 -28.95 -4.49
O1 EDO G . 4.12 -28.10 -3.34
C2 EDO G . 4.19 -28.13 -5.76
O2 EDO G . 4.37 -28.99 -6.89
C1 EDO H . 3.44 5.09 20.29
O1 EDO H . 2.76 3.90 19.90
C2 EDO H . 3.57 5.14 21.80
O2 EDO H . 2.26 5.08 22.39
#